data_2EFK
#
_entry.id   2EFK
#
_cell.length_a   94.817
_cell.length_b   70.410
_cell.length_c   65.679
_cell.angle_alpha   90.00
_cell.angle_beta   107.20
_cell.angle_gamma   90.00
#
_symmetry.space_group_name_H-M   'C 1 2 1'
#
loop_
_entity.id
_entity.type
_entity.pdbx_description
1 polymer 'Cdc42-interacting protein 4'
2 water water
#
_entity_poly.entity_id   1
_entity_poly.type   'polypeptide(L)'
_entity_poly.pdbx_seq_one_letter_code
;GSSGSSGQFEVLERHTQWGLDLLDRYVKFVKERTEVEQAYAKQLRSLVKKYLPKRPAKDDPESKFSQQQSFVQILQEVND
FAGQRELVAENLSVRVCLELTKYSQE(MSE)KQERK(MSE)HFQEGRRAQQQLENGFKQLENSKRKFERDCREAEKAAQT
AERLDQDINATKADVEKAKQQAHLRSH(MSE)AEESKNEYAAQLQRFNRDQAHFYFSQ(MSE)PQIFDKLQD(MSE)DER
RATRLGAGYGLLSEAELEVVPIIAKCLEG(MSE)KVAANAVDPKNDSHVLIELHKSGFARPGDVEFEDFSQP(MSE)NRA
PSDSSLGTP
;
_entity_poly.pdbx_strand_id   A
#
# COMPACT_ATOMS: atom_id res chain seq x y z
N GLY A 7 11.90 20.81 3.84
CA GLY A 7 12.05 20.30 2.44
C GLY A 7 12.02 18.78 2.41
N GLN A 8 12.74 18.18 3.34
CA GLN A 8 12.79 16.74 3.47
C GLN A 8 11.43 16.21 3.93
N PHE A 9 10.54 17.13 4.30
CA PHE A 9 9.21 16.78 4.77
C PHE A 9 8.29 16.48 3.58
N GLU A 10 8.31 17.37 2.60
CA GLU A 10 7.49 17.20 1.40
C GLU A 10 7.97 15.99 0.59
N VAL A 11 9.27 15.73 0.61
CA VAL A 11 9.78 14.59 -0.13
C VAL A 11 9.32 13.29 0.53
N LEU A 12 9.43 13.21 1.85
CA LEU A 12 8.99 12.01 2.58
C LEU A 12 7.50 11.86 2.42
N GLU A 13 6.82 12.98 2.29
CA GLU A 13 5.38 12.98 2.13
C GLU A 13 4.96 12.31 0.83
N ARG A 14 5.65 12.63 -0.25
CA ARG A 14 5.33 12.05 -1.54
C ARG A 14 5.81 10.63 -1.65
N HIS A 15 6.94 10.35 -1.01
CA HIS A 15 7.52 9.01 -1.06
C HIS A 15 6.75 8.00 -0.22
N THR A 16 6.39 8.36 1.00
CA THR A 16 5.64 7.43 1.80
C THR A 16 4.28 7.19 1.16
N GLN A 17 3.77 8.18 0.43
CA GLN A 17 2.49 8.01 -0.24
C GLN A 17 2.68 7.04 -1.40
N TRP A 18 3.84 7.15 -2.04
CA TRP A 18 4.16 6.26 -3.14
C TRP A 18 4.24 4.82 -2.62
N GLY A 19 4.80 4.67 -1.42
CA GLY A 19 4.94 3.36 -0.81
C GLY A 19 3.60 2.69 -0.60
N LEU A 20 2.62 3.47 -0.17
CA LEU A 20 1.27 2.95 0.04
C LEU A 20 0.60 2.67 -1.31
N ASP A 21 0.91 3.49 -2.31
CA ASP A 21 0.33 3.32 -3.64
C ASP A 21 0.78 2.01 -4.27
N LEU A 22 2.08 1.72 -4.16
CA LEU A 22 2.63 0.49 -4.70
C LEU A 22 1.99 -0.67 -3.94
N LEU A 23 1.83 -0.50 -2.63
CA LEU A 23 1.22 -1.52 -1.79
C LEU A 23 -0.15 -1.83 -2.37
N ASP A 24 -0.94 -0.78 -2.54
CA ASP A 24 -2.29 -0.89 -3.08
C ASP A 24 -2.32 -1.49 -4.49
N ARG A 25 -1.27 -1.28 -5.28
CA ARG A 25 -1.24 -1.87 -6.62
C ARG A 25 -0.99 -3.37 -6.54
N TYR A 26 -0.04 -3.77 -5.70
CA TYR A 26 0.27 -5.19 -5.56
C TYR A 26 -0.99 -5.90 -5.13
N VAL A 27 -1.65 -5.34 -4.13
CA VAL A 27 -2.89 -5.92 -3.63
C VAL A 27 -3.86 -6.08 -4.79
N LYS A 28 -3.96 -5.04 -5.61
CA LYS A 28 -4.84 -5.03 -6.77
C LYS A 28 -4.42 -6.09 -7.78
N PHE A 29 -3.12 -6.21 -8.02
CA PHE A 29 -2.60 -7.20 -8.97
C PHE A 29 -2.92 -8.63 -8.52
N VAL A 30 -2.84 -8.89 -7.21
CA VAL A 30 -3.11 -10.22 -6.68
C VAL A 30 -4.60 -10.53 -6.69
N LYS A 31 -5.43 -9.51 -6.49
CA LYS A 31 -6.87 -9.72 -6.51
C LYS A 31 -7.26 -10.27 -7.88
N GLU A 32 -6.76 -9.64 -8.93
CA GLU A 32 -7.06 -10.08 -10.29
C GLU A 32 -6.45 -11.44 -10.58
N ARG A 33 -5.26 -11.70 -10.05
CA ARG A 33 -4.60 -12.99 -10.24
C ARG A 33 -5.54 -14.04 -9.67
N THR A 34 -6.09 -13.70 -8.52
CA THR A 34 -7.03 -14.55 -7.83
C THR A 34 -8.22 -14.86 -8.74
N GLU A 35 -8.77 -13.83 -9.35
CA GLU A 35 -9.92 -13.98 -10.25
C GLU A 35 -9.57 -14.75 -11.52
N VAL A 36 -8.41 -14.47 -12.11
CA VAL A 36 -7.97 -15.17 -13.32
C VAL A 36 -7.83 -16.67 -13.00
N GLU A 37 -7.26 -16.96 -11.83
CA GLU A 37 -7.06 -18.32 -11.39
C GLU A 37 -8.41 -19.04 -11.22
N GLN A 38 -9.36 -18.35 -10.59
CA GLN A 38 -10.67 -18.95 -10.35
C GLN A 38 -11.44 -19.24 -11.65
N ALA A 39 -11.37 -18.31 -12.61
CA ALA A 39 -12.07 -18.50 -13.88
C ALA A 39 -11.54 -19.78 -14.53
N TYR A 40 -10.23 -19.98 -14.43
CA TYR A 40 -9.55 -21.15 -14.98
C TYR A 40 -10.07 -22.43 -14.31
N ALA A 41 -10.00 -22.49 -13.00
CA ALA A 41 -10.47 -23.65 -12.28
C ALA A 41 -11.92 -23.95 -12.63
N LYS A 42 -12.71 -22.89 -12.77
CA LYS A 42 -14.12 -23.06 -13.10
C LYS A 42 -14.22 -23.86 -14.40
N GLN A 43 -13.65 -23.31 -15.45
CA GLN A 43 -13.68 -23.98 -16.75
C GLN A 43 -13.11 -25.40 -16.64
N LEU A 44 -12.10 -25.60 -15.81
CA LEU A 44 -11.53 -26.93 -15.63
C LEU A 44 -12.59 -27.87 -15.05
N ARG A 45 -13.36 -27.37 -14.08
CA ARG A 45 -14.44 -28.16 -13.46
C ARG A 45 -15.47 -28.49 -14.54
N SER A 46 -15.97 -27.44 -15.20
CA SER A 46 -16.96 -27.60 -16.26
C SER A 46 -16.53 -28.66 -17.28
N LEU A 47 -15.28 -28.58 -17.71
CA LEU A 47 -14.74 -29.51 -18.70
C LEU A 47 -14.87 -30.94 -18.19
N VAL A 48 -14.39 -31.19 -16.98
CA VAL A 48 -14.47 -32.51 -16.38
C VAL A 48 -15.92 -32.98 -16.32
N LYS A 49 -16.82 -32.05 -16.05
CA LYS A 49 -18.23 -32.37 -15.97
C LYS A 49 -18.70 -32.85 -17.35
N LYS A 50 -18.35 -32.07 -18.37
CA LYS A 50 -18.74 -32.35 -19.75
C LYS A 50 -18.36 -33.71 -20.34
N TYR A 51 -17.22 -34.28 -19.94
CA TYR A 51 -16.83 -35.57 -20.48
C TYR A 51 -16.89 -36.75 -19.54
N LEU A 52 -17.20 -36.47 -18.27
CA LEU A 52 -17.29 -37.54 -17.28
C LEU A 52 -18.57 -38.35 -17.58
N PRO A 53 -18.61 -39.63 -17.18
CA PRO A 53 -19.77 -40.50 -17.42
C PRO A 53 -21.10 -39.90 -16.99
N LYS A 54 -22.06 -39.88 -17.90
CA LYS A 54 -23.39 -39.35 -17.61
C LYS A 54 -24.08 -40.14 -16.51
N GLU A 62 -19.84 -51.32 -20.69
CA GLU A 62 -19.04 -50.29 -21.32
C GLU A 62 -17.91 -49.79 -20.41
N SER A 63 -18.24 -49.56 -19.15
CA SER A 63 -17.26 -49.09 -18.18
C SER A 63 -16.54 -50.27 -17.54
N LYS A 64 -16.46 -51.37 -18.28
CA LYS A 64 -15.81 -52.58 -17.83
C LYS A 64 -14.41 -52.70 -18.43
N PHE A 65 -14.16 -51.93 -19.49
CA PHE A 65 -12.86 -51.95 -20.16
C PHE A 65 -11.95 -50.88 -19.60
N SER A 66 -10.67 -51.21 -19.46
CA SER A 66 -9.69 -50.27 -18.92
C SER A 66 -9.75 -48.94 -19.66
N GLN A 67 -9.87 -48.99 -20.99
CA GLN A 67 -9.92 -47.79 -21.81
C GLN A 67 -10.91 -46.77 -21.29
N GLN A 68 -12.11 -47.20 -20.95
CA GLN A 68 -13.11 -46.28 -20.44
C GLN A 68 -12.79 -45.93 -18.98
N GLN A 69 -12.07 -46.84 -18.31
CA GLN A 69 -11.71 -46.66 -16.91
C GLN A 69 -10.70 -45.54 -16.74
N SER A 70 -9.50 -45.74 -17.28
CA SER A 70 -8.43 -44.76 -17.20
C SER A 70 -8.91 -43.36 -17.56
N PHE A 71 -9.75 -43.24 -18.59
CA PHE A 71 -10.24 -41.92 -19.00
C PHE A 71 -10.97 -41.25 -17.85
N VAL A 72 -11.69 -42.03 -17.05
CA VAL A 72 -12.38 -41.44 -15.90
C VAL A 72 -11.34 -41.04 -14.86
N GLN A 73 -10.46 -41.97 -14.51
CA GLN A 73 -9.40 -41.71 -13.54
C GLN A 73 -8.61 -40.46 -13.91
N ILE A 74 -8.44 -40.21 -15.20
CA ILE A 74 -7.70 -39.04 -15.66
C ILE A 74 -8.57 -37.79 -15.49
N LEU A 75 -9.85 -37.90 -15.82
CA LEU A 75 -10.77 -36.78 -15.66
C LEU A 75 -10.84 -36.41 -14.18
N GLN A 76 -10.64 -37.43 -13.34
CA GLN A 76 -10.68 -37.23 -11.91
C GLN A 76 -9.48 -36.39 -11.45
N GLU A 77 -8.28 -36.79 -11.87
CA GLU A 77 -7.07 -36.07 -11.48
C GLU A 77 -7.02 -34.64 -12.02
N VAL A 78 -7.65 -34.42 -13.17
CA VAL A 78 -7.72 -33.08 -13.74
C VAL A 78 -8.66 -32.28 -12.85
N ASN A 79 -9.70 -32.96 -12.38
CA ASN A 79 -10.67 -32.33 -11.50
C ASN A 79 -9.99 -31.96 -10.17
N ASP A 80 -9.11 -32.83 -9.67
CA ASP A 80 -8.39 -32.54 -8.43
C ASP A 80 -7.49 -31.35 -8.66
N PHE A 81 -6.79 -31.36 -9.80
CA PHE A 81 -5.90 -30.28 -10.16
C PHE A 81 -6.64 -28.95 -10.04
N ALA A 82 -7.87 -28.90 -10.55
CA ALA A 82 -8.66 -27.69 -10.49
C ALA A 82 -8.88 -27.29 -9.04
N GLY A 83 -8.95 -28.30 -8.17
CA GLY A 83 -9.16 -28.04 -6.75
C GLY A 83 -7.97 -27.30 -6.17
N GLN A 84 -6.78 -27.74 -6.54
CA GLN A 84 -5.55 -27.13 -6.07
C GLN A 84 -5.46 -25.66 -6.52
N ARG A 85 -5.89 -25.39 -7.75
CA ARG A 85 -5.85 -24.00 -8.23
C ARG A 85 -6.83 -23.14 -7.44
N GLU A 86 -7.94 -23.73 -7.01
CA GLU A 86 -8.90 -22.96 -6.24
C GLU A 86 -8.30 -22.70 -4.87
N LEU A 87 -7.49 -23.64 -4.40
CA LEU A 87 -6.83 -23.51 -3.11
C LEU A 87 -5.85 -22.34 -3.12
N VAL A 88 -5.14 -22.16 -4.22
CA VAL A 88 -4.19 -21.06 -4.35
C VAL A 88 -4.97 -19.74 -4.40
N ALA A 89 -6.00 -19.69 -5.23
CA ALA A 89 -6.82 -18.49 -5.36
C ALA A 89 -7.41 -18.12 -4.02
N GLU A 90 -7.69 -19.14 -3.20
CA GLU A 90 -8.26 -18.92 -1.89
C GLU A 90 -7.25 -18.32 -0.92
N ASN A 91 -6.09 -18.98 -0.80
CA ASN A 91 -5.04 -18.52 0.09
C ASN A 91 -4.55 -17.10 -0.24
N LEU A 92 -4.32 -16.82 -1.52
CA LEU A 92 -3.87 -15.49 -1.93
C LEU A 92 -4.93 -14.47 -1.52
N SER A 93 -6.18 -14.81 -1.78
CA SER A 93 -7.31 -13.93 -1.46
C SER A 93 -7.32 -13.61 0.05
N VAL A 94 -6.84 -14.54 0.86
CA VAL A 94 -6.82 -14.31 2.29
C VAL A 94 -5.53 -13.72 2.83
N ARG A 95 -4.44 -14.48 2.70
CA ARG A 95 -3.15 -14.03 3.20
C ARG A 95 -2.63 -12.73 2.59
N VAL A 96 -3.08 -12.41 1.39
CA VAL A 96 -2.61 -11.21 0.71
C VAL A 96 -3.64 -10.08 0.61
N CYS A 97 -4.65 -10.27 -0.23
CA CYS A 97 -5.67 -9.25 -0.43
C CYS A 97 -6.33 -8.75 0.84
N LEU A 98 -7.04 -9.63 1.53
CA LEU A 98 -7.72 -9.27 2.76
C LEU A 98 -6.75 -8.65 3.77
N GLU A 99 -5.74 -9.42 4.16
CA GLU A 99 -4.75 -8.97 5.15
C GLU A 99 -4.02 -7.67 4.81
N LEU A 100 -3.41 -7.61 3.64
CA LEU A 100 -2.70 -6.41 3.24
C LEU A 100 -3.60 -5.18 3.05
N THR A 101 -4.85 -5.42 2.63
CA THR A 101 -5.79 -4.30 2.45
C THR A 101 -6.08 -3.68 3.81
N LYS A 102 -6.20 -4.52 4.83
CA LYS A 102 -6.43 -4.04 6.19
C LYS A 102 -5.18 -3.30 6.65
N TYR A 103 -4.02 -3.89 6.41
CA TYR A 103 -2.76 -3.30 6.81
C TYR A 103 -2.45 -1.98 6.08
N SER A 104 -2.94 -1.84 4.85
CA SER A 104 -2.70 -0.61 4.11
C SER A 104 -3.55 0.52 4.68
N GLN A 105 -4.64 0.15 5.34
CA GLN A 105 -5.54 1.12 5.94
C GLN A 105 -4.88 1.63 7.22
N GLU A 106 -4.28 0.71 7.97
CA GLU A 106 -3.59 1.04 9.21
C GLU A 106 -2.46 2.03 8.94
N MSE A 107 -1.61 1.70 7.96
CA MSE A 107 -0.47 2.53 7.60
C MSE A 107 -0.89 3.85 6.97
O MSE A 107 -0.18 4.85 7.08
CB MSE A 107 0.46 1.78 6.63
CG MSE A 107 1.09 0.53 7.21
SE MSE A 107 2.06 0.86 8.85
CE MSE A 107 0.62 0.62 10.11
N LYS A 108 -2.04 3.86 6.31
CA LYS A 108 -2.51 5.10 5.69
C LYS A 108 -2.85 6.06 6.82
N GLN A 109 -3.34 5.50 7.92
CA GLN A 109 -3.73 6.27 9.08
C GLN A 109 -2.52 6.69 9.92
N GLU A 110 -1.59 5.76 10.16
CA GLU A 110 -0.41 6.11 10.94
C GLU A 110 0.37 7.23 10.23
N ARG A 111 0.41 7.14 8.90
CA ARG A 111 1.10 8.14 8.09
C ARG A 111 0.42 9.48 8.34
N LYS A 112 -0.90 9.50 8.23
CA LYS A 112 -1.65 10.74 8.45
C LYS A 112 -1.29 11.34 9.80
N MSE A 113 -1.19 10.50 10.82
CA MSE A 113 -0.89 10.99 12.15
C MSE A 113 0.48 11.68 12.24
O MSE A 113 0.61 12.77 12.80
CB MSE A 113 -0.95 9.85 13.17
CG MSE A 113 -1.68 10.22 14.45
SE MSE A 113 -3.63 10.46 14.24
CE MSE A 113 -3.69 11.93 13.00
N HIS A 114 1.51 11.05 11.67
CA HIS A 114 2.83 11.65 11.75
C HIS A 114 2.89 12.99 11.03
N PHE A 115 2.22 13.10 9.89
CA PHE A 115 2.24 14.37 9.21
C PHE A 115 1.49 15.45 9.97
N GLN A 116 0.42 15.08 10.65
CA GLN A 116 -0.30 16.09 11.41
C GLN A 116 0.63 16.60 12.50
N GLU A 117 1.36 15.70 13.14
CA GLU A 117 2.29 16.10 14.20
C GLU A 117 3.37 17.05 13.62
N GLY A 118 3.79 16.78 12.38
CA GLY A 118 4.79 17.61 11.76
C GLY A 118 4.21 18.97 11.42
N ARG A 119 3.00 18.99 10.83
CA ARG A 119 2.36 20.24 10.48
C ARG A 119 2.20 21.11 11.72
N ARG A 120 1.81 20.51 12.83
CA ARG A 120 1.64 21.24 14.07
C ARG A 120 2.96 21.88 14.47
N ALA A 121 4.04 21.16 14.25
CA ALA A 121 5.36 21.68 14.60
C ALA A 121 5.68 22.92 13.76
N GLN A 122 5.44 22.82 12.45
CA GLN A 122 5.67 23.93 11.54
C GLN A 122 4.80 25.13 11.91
N GLN A 123 3.53 24.88 12.20
CA GLN A 123 2.59 25.94 12.58
C GLN A 123 3.02 26.65 13.84
N GLN A 124 3.54 25.90 14.80
CA GLN A 124 3.99 26.49 16.06
C GLN A 124 5.19 27.41 15.79
N LEU A 125 6.08 27.00 14.90
CA LEU A 125 7.23 27.82 14.60
C LEU A 125 6.77 29.04 13.77
N GLU A 126 5.92 28.80 12.78
CA GLU A 126 5.42 29.89 11.95
C GLU A 126 4.76 30.94 12.86
N ASN A 127 3.96 30.49 13.83
CA ASN A 127 3.31 31.42 14.74
C ASN A 127 4.36 32.17 15.53
N GLY A 128 5.50 31.53 15.72
CA GLY A 128 6.57 32.18 16.46
C GLY A 128 7.15 33.29 15.59
N PHE A 129 7.28 32.98 14.30
CA PHE A 129 7.81 33.93 13.35
C PHE A 129 6.91 35.16 13.22
N LYS A 130 5.60 34.94 13.20
CA LYS A 130 4.61 36.02 13.10
C LYS A 130 4.79 36.96 14.30
N GLN A 131 5.13 36.40 15.44
CA GLN A 131 5.37 37.18 16.65
C GLN A 131 6.64 38.00 16.43
N LEU A 132 7.67 37.37 15.86
CA LEU A 132 8.94 38.03 15.58
C LEU A 132 8.64 39.24 14.71
N GLU A 133 7.97 38.98 13.58
CA GLU A 133 7.59 39.99 12.60
C GLU A 133 6.91 41.21 13.18
N ASN A 134 5.79 41.00 13.86
CA ASN A 134 5.06 42.12 14.45
C ASN A 134 5.94 42.95 15.35
N SER A 135 6.84 42.32 16.10
CA SER A 135 7.70 43.08 17.00
C SER A 135 8.72 43.87 16.22
N LYS A 136 9.19 43.32 15.10
CA LYS A 136 10.17 44.05 14.30
C LYS A 136 9.48 45.29 13.72
N ARG A 137 8.33 45.07 13.09
CA ARG A 137 7.56 46.15 12.50
C ARG A 137 7.33 47.27 13.51
N LYS A 138 6.73 46.93 14.64
CA LYS A 138 6.46 47.91 15.68
C LYS A 138 7.75 48.63 16.13
N PHE A 139 8.90 47.99 15.98
CA PHE A 139 10.17 48.61 16.37
C PHE A 139 10.59 49.64 15.35
N GLU A 140 10.38 49.28 14.09
CA GLU A 140 10.74 50.14 12.96
C GLU A 140 9.94 51.43 13.02
N ARG A 141 8.61 51.33 13.00
CA ARG A 141 7.76 52.50 13.04
C ARG A 141 8.09 53.37 14.26
N ASP A 142 8.31 52.72 15.40
CA ASP A 142 8.65 53.44 16.62
C ASP A 142 9.97 54.18 16.46
N CYS A 143 10.87 53.60 15.67
CA CYS A 143 12.16 54.23 15.42
C CYS A 143 11.98 55.49 14.59
N ARG A 144 11.17 55.38 13.53
CA ARG A 144 10.89 56.50 12.66
C ARG A 144 10.28 57.66 13.44
N GLU A 145 9.24 57.41 14.23
CA GLU A 145 8.63 58.48 15.02
C GLU A 145 9.68 59.22 15.84
N ALA A 146 10.45 58.46 16.61
CA ALA A 146 11.50 59.04 17.45
C ALA A 146 12.42 59.91 16.62
N GLU A 147 12.66 59.50 15.38
CA GLU A 147 13.53 60.25 14.50
C GLU A 147 12.82 61.52 14.00
N LYS A 148 11.55 61.38 13.63
CA LYS A 148 10.81 62.52 13.15
C LYS A 148 10.61 63.53 14.27
N ALA A 149 10.47 63.02 15.51
CA ALA A 149 10.29 63.91 16.64
C ALA A 149 11.61 64.53 17.06
N ALA A 150 12.72 63.88 16.72
CA ALA A 150 14.03 64.43 17.09
C ALA A 150 14.41 65.58 16.14
N GLN A 151 14.05 65.42 14.86
CA GLN A 151 14.32 66.44 13.85
C GLN A 151 13.52 67.71 14.17
N THR A 152 12.31 67.53 14.71
CA THR A 152 11.45 68.65 15.08
C THR A 152 12.02 69.39 16.28
N ALA A 153 12.29 68.67 17.36
CA ALA A 153 12.85 69.28 18.56
C ALA A 153 14.17 69.97 18.24
N GLU A 154 14.97 69.33 17.39
CA GLU A 154 16.28 69.86 17.00
C GLU A 154 16.14 71.23 16.33
N ARG A 155 15.38 71.26 15.24
CA ARG A 155 15.16 72.48 14.50
C ARG A 155 14.70 73.65 15.38
N LEU A 156 13.79 73.42 16.31
CA LEU A 156 13.35 74.52 17.18
C LEU A 156 14.49 74.92 18.11
N ASP A 157 15.28 73.92 18.51
CA ASP A 157 16.40 74.17 19.39
C ASP A 157 17.38 75.13 18.72
N GLN A 158 17.48 75.06 17.40
CA GLN A 158 18.38 75.92 16.63
C GLN A 158 17.74 77.26 16.23
N ASP A 159 16.43 77.34 16.35
CA ASP A 159 15.70 78.56 16.00
C ASP A 159 15.78 79.58 17.12
N ILE A 160 16.64 80.57 16.93
CA ILE A 160 16.82 81.60 17.93
C ILE A 160 15.56 82.41 18.19
N ASN A 161 14.51 82.21 17.37
CA ASN A 161 13.28 82.97 17.56
C ASN A 161 12.14 82.15 18.14
N ALA A 162 12.38 80.86 18.37
CA ALA A 162 11.37 80.00 18.97
C ALA A 162 11.47 80.36 20.45
N THR A 163 10.49 79.98 21.26
CA THR A 163 10.56 80.29 22.69
C THR A 163 11.14 79.10 23.44
N LYS A 164 11.46 79.25 24.71
CA LYS A 164 12.01 78.12 25.45
C LYS A 164 10.93 77.06 25.58
N ALA A 165 9.68 77.51 25.62
CA ALA A 165 8.53 76.60 25.76
C ALA A 165 8.40 75.71 24.53
N ASP A 166 8.60 76.29 23.35
CA ASP A 166 8.54 75.53 22.09
C ASP A 166 9.56 74.39 22.09
N VAL A 167 10.77 74.69 22.53
CA VAL A 167 11.84 73.71 22.55
C VAL A 167 11.55 72.61 23.57
N GLU A 168 11.20 73.03 24.79
CA GLU A 168 10.88 72.13 25.89
C GLU A 168 9.78 71.13 25.52
N LYS A 169 8.71 71.64 24.91
CA LYS A 169 7.59 70.81 24.49
C LYS A 169 8.01 69.78 23.45
N ALA A 170 8.69 70.26 22.41
CA ALA A 170 9.14 69.37 21.36
C ALA A 170 10.16 68.35 21.87
N LYS A 171 10.98 68.75 22.85
CA LYS A 171 11.98 67.85 23.40
C LYS A 171 11.30 66.75 24.20
N GLN A 172 10.23 67.11 24.91
CA GLN A 172 9.49 66.15 25.69
C GLN A 172 8.97 65.06 24.76
N GLN A 173 8.32 65.47 23.68
CA GLN A 173 7.79 64.54 22.72
C GLN A 173 8.89 63.63 22.15
N ALA A 174 10.09 64.17 22.01
CA ALA A 174 11.20 63.38 21.47
C ALA A 174 11.71 62.35 22.48
N HIS A 175 11.94 62.79 23.72
CA HIS A 175 12.40 61.87 24.76
C HIS A 175 11.38 60.77 24.93
N LEU A 176 10.10 61.14 24.87
CA LEU A 176 8.99 60.20 25.01
C LEU A 176 9.04 59.16 23.92
N ARG A 177 9.18 59.60 22.68
CA ARG A 177 9.23 58.68 21.55
C ARG A 177 10.54 57.89 21.56
N SER A 178 11.57 58.46 22.17
CA SER A 178 12.85 57.78 22.25
C SER A 178 12.71 56.58 23.16
N HIS A 179 12.05 56.76 24.30
CA HIS A 179 11.86 55.67 25.26
C HIS A 179 11.00 54.56 24.68
N MSE A 180 9.96 54.96 23.93
CA MSE A 180 9.07 53.99 23.30
C MSE A 180 9.82 53.14 22.28
O MSE A 180 9.50 51.96 22.10
CB MSE A 180 7.91 54.70 22.64
CG MSE A 180 6.94 55.32 23.61
SE MSE A 180 5.56 56.34 22.70
CE MSE A 180 4.53 54.86 21.98
N ALA A 181 10.77 53.77 21.59
CA ALA A 181 11.55 53.06 20.59
C ALA A 181 12.50 52.09 21.29
N GLU A 182 12.96 52.48 22.48
CA GLU A 182 13.85 51.63 23.26
C GLU A 182 13.10 50.39 23.75
N GLU A 183 11.90 50.61 24.30
CA GLU A 183 11.07 49.54 24.79
C GLU A 183 10.73 48.59 23.65
N SER A 184 10.35 49.15 22.52
CA SER A 184 9.99 48.36 21.37
C SER A 184 11.20 47.56 20.86
N LYS A 185 12.39 48.14 21.01
CA LYS A 185 13.62 47.48 20.59
C LYS A 185 13.85 46.22 21.44
N ASN A 186 13.67 46.36 22.76
CA ASN A 186 13.85 45.24 23.69
C ASN A 186 12.89 44.07 23.43
N GLU A 187 11.64 44.37 23.06
CA GLU A 187 10.67 43.32 22.78
C GLU A 187 11.00 42.67 21.43
N TYR A 188 11.59 43.45 20.55
CA TYR A 188 11.98 42.90 19.26
C TYR A 188 13.14 41.94 19.53
N ALA A 189 14.10 42.39 20.32
CA ALA A 189 15.28 41.59 20.66
C ALA A 189 14.88 40.29 21.36
N ALA A 190 14.10 40.38 22.42
CA ALA A 190 13.67 39.19 23.14
C ALA A 190 13.00 38.23 22.17
N GLN A 191 12.10 38.77 21.34
CA GLN A 191 11.40 37.96 20.37
C GLN A 191 12.38 37.27 19.43
N LEU A 192 13.40 37.99 19.00
CA LEU A 192 14.38 37.41 18.09
C LEU A 192 15.08 36.22 18.75
N GLN A 193 15.60 36.42 19.96
CA GLN A 193 16.27 35.37 20.70
C GLN A 193 15.34 34.17 20.84
N ARG A 194 14.08 34.45 21.20
CA ARG A 194 13.07 33.41 21.36
C ARG A 194 12.88 32.63 20.07
N PHE A 195 12.71 33.35 18.98
CA PHE A 195 12.50 32.68 17.69
C PHE A 195 13.69 31.86 17.23
N ASN A 196 14.88 32.43 17.34
CA ASN A 196 16.05 31.70 16.89
C ASN A 196 16.29 30.38 17.59
N ARG A 197 16.05 30.32 18.91
CA ARG A 197 16.21 29.09 19.66
C ARG A 197 15.22 28.06 19.14
N ASP A 198 13.95 28.45 19.10
CA ASP A 198 12.88 27.57 18.65
C ASP A 198 13.17 27.01 17.27
N GLN A 199 13.59 27.89 16.35
CA GLN A 199 13.89 27.46 15.00
C GLN A 199 15.02 26.45 15.02
N ALA A 200 16.08 26.77 15.76
CA ALA A 200 17.23 25.87 15.87
C ALA A 200 16.76 24.50 16.38
N HIS A 201 16.02 24.52 17.48
CA HIS A 201 15.50 23.28 18.08
C HIS A 201 14.59 22.55 17.10
N PHE A 202 13.82 23.33 16.35
CA PHE A 202 12.90 22.79 15.35
C PHE A 202 13.61 21.91 14.34
N TYR A 203 14.72 22.41 13.82
CA TYR A 203 15.47 21.64 12.82
C TYR A 203 16.44 20.63 13.41
N PHE A 204 16.88 20.84 14.65
CA PHE A 204 17.82 19.91 15.24
C PHE A 204 17.14 18.65 15.75
N SER A 205 16.08 18.80 16.54
CA SER A 205 15.40 17.62 17.07
C SER A 205 13.97 17.44 16.59
N GLN A 206 13.14 18.48 16.68
CA GLN A 206 11.74 18.33 16.26
C GLN A 206 11.52 17.66 14.90
N MSE A 207 12.07 18.21 13.82
CA MSE A 207 11.87 17.55 12.54
C MSE A 207 12.57 16.19 12.47
O MSE A 207 12.03 15.24 11.91
CB MSE A 207 12.29 18.45 11.39
CG MSE A 207 11.27 19.55 11.10
SE MSE A 207 9.41 18.91 10.92
CE MSE A 207 8.80 19.30 12.68
N PRO A 208 13.81 16.08 12.99
CA PRO A 208 14.45 14.76 12.91
C PRO A 208 13.57 13.68 13.59
N GLN A 209 13.03 13.98 14.77
CA GLN A 209 12.16 13.04 15.47
C GLN A 209 10.94 12.62 14.61
N ILE A 210 10.40 13.55 13.81
CA ILE A 210 9.26 13.23 12.95
C ILE A 210 9.75 12.37 11.81
N PHE A 211 10.90 12.74 11.25
CA PHE A 211 11.47 11.97 10.15
C PHE A 211 11.69 10.52 10.57
N ASP A 212 12.20 10.31 11.78
CA ASP A 212 12.42 8.94 12.25
C ASP A 212 11.14 8.13 12.21
N LYS A 213 10.05 8.68 12.77
CA LYS A 213 8.76 7.97 12.77
C LYS A 213 8.31 7.58 11.38
N LEU A 214 8.47 8.48 10.42
CA LEU A 214 8.06 8.20 9.05
C LEU A 214 9.01 7.17 8.43
N GLN A 215 10.27 7.20 8.83
CA GLN A 215 11.24 6.25 8.30
C GLN A 215 10.88 4.86 8.84
N ASP A 216 10.52 4.83 10.13
CA ASP A 216 10.16 3.60 10.81
C ASP A 216 8.92 2.98 10.19
N MSE A 217 7.90 3.79 10.01
CA MSE A 217 6.67 3.31 9.43
C MSE A 217 6.88 2.85 8.00
O MSE A 217 6.40 1.80 7.59
CB MSE A 217 5.63 4.41 9.46
CG MSE A 217 4.46 4.14 8.54
SE MSE A 217 3.70 5.79 8.01
CE MSE A 217 4.69 6.01 6.36
N ASP A 218 7.62 3.65 7.24
CA ASP A 218 7.86 3.34 5.84
C ASP A 218 8.61 2.03 5.73
N GLU A 219 9.61 1.84 6.57
CA GLU A 219 10.36 0.60 6.52
C GLU A 219 9.49 -0.59 6.90
N ARG A 220 8.56 -0.41 7.82
CA ARG A 220 7.69 -1.51 8.23
C ARG A 220 6.73 -1.91 7.09
N ARG A 221 6.23 -0.93 6.36
CA ARG A 221 5.34 -1.20 5.24
C ARG A 221 6.13 -1.88 4.15
N ALA A 222 7.34 -1.39 3.91
CA ALA A 222 8.21 -1.99 2.90
C ALA A 222 8.50 -3.45 3.22
N THR A 223 8.85 -3.73 4.47
CA THR A 223 9.14 -5.11 4.86
C THR A 223 7.88 -5.95 4.68
N ARG A 224 6.76 -5.46 5.20
CA ARG A 224 5.50 -6.17 5.11
C ARG A 224 5.11 -6.38 3.65
N LEU A 225 5.38 -5.38 2.79
CA LEU A 225 5.09 -5.50 1.37
C LEU A 225 5.97 -6.61 0.80
N GLY A 226 7.17 -6.76 1.35
CA GLY A 226 8.07 -7.80 0.89
C GLY A 226 7.50 -9.18 1.19
N ALA A 227 6.96 -9.36 2.40
CA ALA A 227 6.39 -10.62 2.79
C ALA A 227 5.19 -10.91 1.88
N GLY A 228 4.44 -9.86 1.55
CA GLY A 228 3.30 -10.03 0.66
C GLY A 228 3.78 -10.60 -0.66
N TYR A 229 4.90 -10.09 -1.16
CA TYR A 229 5.47 -10.59 -2.40
C TYR A 229 5.74 -12.07 -2.26
N GLY A 230 6.30 -12.46 -1.11
CA GLY A 230 6.59 -13.87 -0.85
C GLY A 230 5.39 -14.80 -0.88
N LEU A 231 4.26 -14.36 -0.32
CA LEU A 231 3.05 -15.18 -0.29
C LEU A 231 2.61 -15.61 -1.68
N LEU A 232 3.03 -14.88 -2.70
CA LEU A 232 2.65 -15.21 -4.06
C LEU A 232 3.28 -16.54 -4.47
N SER A 233 4.58 -16.71 -4.22
CA SER A 233 5.26 -17.94 -4.58
C SER A 233 5.00 -19.03 -3.55
N GLU A 234 4.84 -18.62 -2.29
CA GLU A 234 4.57 -19.56 -1.21
C GLU A 234 3.27 -20.34 -1.43
N ALA A 235 2.25 -19.67 -1.94
CA ALA A 235 0.96 -20.31 -2.17
C ALA A 235 1.08 -21.33 -3.28
N GLU A 236 1.98 -21.07 -4.22
CA GLU A 236 2.16 -21.99 -5.32
C GLU A 236 2.90 -23.22 -4.79
N LEU A 237 3.97 -22.97 -4.05
CA LEU A 237 4.77 -24.05 -3.49
C LEU A 237 3.97 -25.02 -2.61
N GLU A 238 3.05 -24.49 -1.82
CA GLU A 238 2.23 -25.32 -0.95
C GLU A 238 1.44 -26.40 -1.69
N VAL A 239 0.93 -26.07 -2.87
CA VAL A 239 0.16 -27.05 -3.63
C VAL A 239 1.01 -27.91 -4.57
N VAL A 240 2.30 -27.59 -4.68
CA VAL A 240 3.20 -28.35 -5.55
C VAL A 240 3.12 -29.86 -5.41
N PRO A 241 3.15 -30.37 -4.15
CA PRO A 241 3.08 -31.80 -3.88
C PRO A 241 1.84 -32.50 -4.42
N ILE A 242 0.67 -31.95 -4.13
CA ILE A 242 -0.57 -32.54 -4.59
C ILE A 242 -0.74 -32.47 -6.10
N ILE A 243 -0.20 -31.42 -6.71
CA ILE A 243 -0.30 -31.30 -8.15
C ILE A 243 0.55 -32.41 -8.75
N ALA A 244 1.61 -32.79 -8.04
CA ALA A 244 2.49 -33.86 -8.49
C ALA A 244 1.74 -35.18 -8.35
N LYS A 245 0.96 -35.30 -7.28
CA LYS A 245 0.17 -36.50 -7.06
C LYS A 245 -0.77 -36.64 -8.25
N CYS A 246 -1.40 -35.52 -8.61
CA CYS A 246 -2.33 -35.48 -9.73
C CYS A 246 -1.67 -35.95 -11.01
N LEU A 247 -0.50 -35.41 -11.33
CA LEU A 247 0.19 -35.81 -12.54
C LEU A 247 0.48 -37.31 -12.55
N GLU A 248 0.96 -37.86 -11.43
CA GLU A 248 1.24 -39.28 -11.36
C GLU A 248 -0.04 -40.08 -11.61
N GLY A 249 -1.12 -39.68 -10.93
CA GLY A 249 -2.40 -40.35 -11.09
C GLY A 249 -2.82 -40.47 -12.54
N MSE A 250 -2.37 -39.54 -13.37
CA MSE A 250 -2.69 -39.56 -14.79
C MSE A 250 -1.75 -40.50 -15.53
O MSE A 250 -2.16 -41.19 -16.46
CB MSE A 250 -2.60 -38.15 -15.38
CG MSE A 250 -3.59 -37.18 -14.77
SE MSE A 250 -3.48 -35.37 -15.48
CE MSE A 250 -4.56 -35.61 -17.05
N LYS A 251 -0.50 -40.50 -15.12
CA LYS A 251 0.50 -41.35 -15.75
C LYS A 251 0.19 -42.82 -15.53
N VAL A 252 -0.25 -43.18 -14.32
CA VAL A 252 -0.57 -44.57 -14.04
C VAL A 252 -1.80 -44.99 -14.84
N ALA A 253 -2.80 -44.12 -14.86
CA ALA A 253 -4.04 -44.38 -15.59
C ALA A 253 -3.75 -44.73 -17.05
N ALA A 254 -2.91 -43.95 -17.69
CA ALA A 254 -2.55 -44.19 -19.09
C ALA A 254 -1.82 -45.53 -19.25
N ASN A 255 -0.97 -45.87 -18.28
CA ASN A 255 -0.24 -47.13 -18.33
C ASN A 255 -1.11 -48.31 -17.90
N ALA A 256 -2.29 -48.01 -17.39
CA ALA A 256 -3.23 -49.03 -16.95
C ALA A 256 -4.03 -49.58 -18.13
N VAL A 257 -4.03 -48.84 -19.24
CA VAL A 257 -4.77 -49.26 -20.42
C VAL A 257 -4.20 -50.58 -20.91
N ASP A 258 -4.96 -51.65 -20.70
CA ASP A 258 -4.56 -52.99 -21.10
C ASP A 258 -5.39 -53.41 -22.31
N PRO A 259 -4.93 -53.08 -23.53
CA PRO A 259 -5.62 -53.42 -24.77
C PRO A 259 -5.87 -54.91 -24.99
N LYS A 260 -4.84 -55.73 -24.81
CA LYS A 260 -4.99 -57.16 -25.02
C LYS A 260 -6.00 -57.78 -24.05
N ASN A 261 -6.14 -57.20 -22.87
CA ASN A 261 -7.08 -57.71 -21.88
C ASN A 261 -8.51 -57.24 -22.11
N ASP A 262 -8.68 -56.04 -22.67
CA ASP A 262 -10.01 -55.53 -22.96
C ASP A 262 -10.66 -56.45 -23.98
N SER A 263 -9.84 -56.95 -24.91
CA SER A 263 -10.32 -57.88 -25.93
C SER A 263 -10.91 -59.09 -25.20
N HIS A 264 -10.12 -59.65 -24.30
CA HIS A 264 -10.51 -60.80 -23.50
C HIS A 264 -11.90 -60.57 -22.89
N VAL A 265 -12.09 -59.41 -22.27
CA VAL A 265 -13.35 -59.04 -21.65
C VAL A 265 -14.51 -58.93 -22.64
N LEU A 266 -14.20 -58.66 -23.90
CA LEU A 266 -15.24 -58.53 -24.92
C LEU A 266 -15.81 -59.89 -25.29
N ILE A 267 -14.95 -60.76 -25.83
CA ILE A 267 -15.36 -62.11 -26.21
C ILE A 267 -15.57 -62.92 -24.95
N GLU A 268 -16.36 -62.36 -24.05
CA GLU A 268 -16.67 -63.01 -22.79
C GLU A 268 -18.14 -62.82 -22.48
N LEU A 269 -18.48 -61.61 -22.02
CA LEU A 269 -19.86 -61.30 -21.68
C LEU A 269 -20.77 -61.38 -22.91
N HIS A 270 -20.18 -61.64 -24.07
CA HIS A 270 -20.95 -61.74 -25.31
C HIS A 270 -20.93 -63.12 -25.96
N LYS A 271 -19.83 -63.85 -25.78
CA LYS A 271 -19.67 -65.17 -26.38
C LYS A 271 -20.85 -66.13 -26.26
N SER A 272 -21.62 -66.01 -25.19
CA SER A 272 -22.77 -66.89 -24.99
C SER A 272 -23.79 -66.73 -26.12
N GLY A 273 -23.48 -65.87 -27.09
CA GLY A 273 -24.39 -65.65 -28.20
C GLY A 273 -23.80 -66.03 -29.55
N PHE A 274 -22.60 -66.62 -29.55
CA PHE A 274 -21.95 -67.02 -30.79
C PHE A 274 -22.39 -68.42 -31.17
N ALA A 275 -23.45 -68.49 -31.97
CA ALA A 275 -23.98 -69.78 -32.41
C ALA A 275 -23.27 -70.24 -33.67
N ARG A 276 -22.65 -71.42 -33.60
CA ARG A 276 -21.97 -72.00 -34.75
C ARG A 276 -22.92 -73.03 -35.36
N PRO A 277 -23.69 -72.64 -36.39
CA PRO A 277 -24.64 -73.56 -37.03
C PRO A 277 -24.01 -74.78 -37.67
N GLY A 278 -24.63 -75.93 -37.40
CA GLY A 278 -24.12 -77.19 -37.93
C GLY A 278 -24.56 -77.43 -39.37
N ASP A 279 -24.37 -78.65 -39.85
CA ASP A 279 -24.74 -78.98 -41.22
C ASP A 279 -26.24 -78.95 -41.46
N VAL A 280 -26.64 -78.40 -42.60
CA VAL A 280 -28.04 -78.36 -42.97
C VAL A 280 -28.36 -79.81 -43.34
N GLU A 281 -29.57 -80.26 -43.06
CA GLU A 281 -29.93 -81.63 -43.36
C GLU A 281 -30.62 -81.85 -44.69
N PHE A 282 -30.51 -83.08 -45.18
CA PHE A 282 -31.12 -83.47 -46.44
C PHE A 282 -32.62 -83.63 -46.25
N GLU A 283 -33.38 -83.06 -47.17
CA GLU A 283 -34.84 -83.13 -47.11
C GLU A 283 -35.35 -84.17 -48.10
N ASP A 284 -35.40 -85.44 -47.70
CA ASP A 284 -35.89 -86.46 -48.62
C ASP A 284 -37.41 -86.36 -48.74
N PHE A 285 -37.88 -85.88 -49.89
CA PHE A 285 -39.30 -85.73 -50.15
C PHE A 285 -39.95 -87.03 -50.62
N SER A 286 -39.23 -87.80 -51.42
CA SER A 286 -39.73 -89.07 -51.94
C SER A 286 -40.00 -90.10 -50.83
#